data_4WYI
#
_entry.id   4WYI
#
_cell.length_a   59.610
_cell.length_b   65.619
_cell.length_c   80.401
_cell.angle_alpha   90.00
_cell.angle_beta   90.00
_cell.angle_gamma   90.00
#
_symmetry.space_group_name_H-M   'P 21 21 21'
#
loop_
_entity.id
_entity.type
_entity.pdbx_description
1 polymer 'Monogalactosyldiacylglycerol synthase 1, chloroplastic'
2 water water
#
_entity_poly.entity_id   1
_entity_poly.type   'polypeptide(L)'
_entity_poly.pdbx_seq_one_letter_code
;EADRPKKVLILMSDTGGGHRASAEAIRAAFNQEFGDEYQVFITDLWTDHTPWPFNQLPRSYNFLVKHGTLWKMTYYGTSP
RIVHQSNFAATSTFIAREIAQGLMKYQPDIIISVHPLMQHVPLRVLRSKGLLKKIVFTTVITDLSTCHPTWFHKLVTRCY
CPSTEVAKRAQKAGLETSQIKVYGLPVRPSFVKPVRPKVELRRELGMDENLPAVLLMGGGEGMGPIEATARALADALYDK
NLGEAVGQVLIICGRNKKLQSKLSSLDWKIPVQVKGFITKMEECMGACDCIITKAGPGTIAEAMIRGLPIILNGYIAGQE
AGNVPYVVENGCGKFSKSPKEISKIVADWFGPASKELEIMSQNALRLAKPEAVFKIVHDMHELVRKKNSLPQLSCTAAAA
LEHHHHHH
;
_entity_poly.pdbx_strand_id   A
#
# COMPACT_ATOMS: atom_id res chain seq x y z
N ASP A 3 20.88 -14.79 19.79
CA ASP A 3 21.96 -14.17 20.53
C ASP A 3 21.44 -13.47 21.78
N ARG A 4 21.07 -12.21 21.59
CA ARG A 4 20.50 -11.38 22.64
C ARG A 4 19.39 -10.54 22.02
N PRO A 5 18.34 -10.29 22.80
CA PRO A 5 17.15 -9.61 22.29
C PRO A 5 17.57 -8.28 21.72
N LYS A 6 16.88 -7.88 20.65
CA LYS A 6 17.22 -6.65 19.99
C LYS A 6 16.01 -5.76 19.82
N LYS A 7 16.22 -4.48 19.74
CA LYS A 7 15.18 -3.50 19.66
C LYS A 7 15.20 -2.76 18.36
N VAL A 8 14.03 -2.51 17.84
CA VAL A 8 13.87 -1.95 16.56
C VAL A 8 12.97 -0.80 16.72
N LEU A 9 13.41 0.34 16.21
CA LEU A 9 12.61 1.51 16.14
C LEU A 9 12.41 1.95 14.70
N ILE A 10 11.17 2.18 14.37
CA ILE A 10 10.71 2.54 13.07
C ILE A 10 10.16 3.90 13.22
N LEU A 11 10.63 4.80 12.37
CA LEU A 11 10.27 6.18 12.42
C LEU A 11 9.28 6.56 11.37
N MET A 12 8.17 7.08 11.83
CA MET A 12 7.08 7.51 11.04
C MET A 12 6.85 8.91 11.53
N SER A 13 6.13 9.63 10.72
CA SER A 13 5.53 10.87 11.10
C SER A 13 4.19 11.07 10.42
N ASP A 14 3.20 11.38 11.22
CA ASP A 14 1.82 11.42 10.78
C ASP A 14 1.61 12.52 9.80
N THR A 15 2.57 13.42 9.73
CA THR A 15 2.56 14.41 8.71
C THR A 15 3.84 14.43 7.88
N GLY A 16 3.68 14.73 6.61
CA GLY A 16 4.80 14.91 5.72
C GLY A 16 5.13 13.80 4.76
N GLY A 17 4.22 12.86 4.55
CA GLY A 17 4.48 11.78 3.63
C GLY A 17 4.70 10.48 4.36
N GLY A 18 5.09 9.45 3.65
CA GLY A 18 5.44 8.21 4.29
C GLY A 18 4.28 7.42 4.85
N HIS A 19 4.54 6.18 5.15
CA HIS A 19 3.52 5.19 5.25
C HIS A 19 3.66 4.33 6.47
N ARG A 20 2.66 4.36 7.34
CA ARG A 20 2.70 3.63 8.59
C ARG A 20 2.26 2.19 8.48
N ALA A 21 1.54 1.88 7.44
CA ALA A 21 1.07 0.55 7.24
C ALA A 21 2.21 -0.37 6.88
N SER A 22 3.26 0.21 6.32
CA SER A 22 4.46 -0.49 5.98
C SER A 22 5.24 -0.76 7.21
N ALA A 23 5.21 0.19 8.11
CA ALA A 23 5.84 0.01 9.39
C ALA A 23 5.18 -1.10 10.17
N GLU A 24 3.86 -1.10 10.20
CA GLU A 24 3.15 -2.15 10.90
C GLU A 24 3.34 -3.50 10.26
N ALA A 25 3.41 -3.53 8.96
CA ALA A 25 3.73 -4.70 8.24
C ALA A 25 5.07 -5.24 8.62
N ILE A 26 6.04 -4.37 8.81
CA ILE A 26 7.38 -4.75 9.20
C ILE A 26 7.42 -5.32 10.59
N ARG A 27 6.69 -4.66 11.49
CA ARG A 27 6.59 -5.13 12.87
C ARG A 27 5.95 -6.52 12.95
N ALA A 28 4.96 -6.77 12.10
CA ALA A 28 4.31 -8.07 12.11
C ALA A 28 5.17 -9.14 11.52
N ALA A 29 6.07 -8.76 10.67
CA ALA A 29 6.93 -9.70 10.03
C ALA A 29 8.08 -10.10 10.91
N PHE A 30 8.54 -9.19 11.74
CA PHE A 30 9.57 -9.51 12.70
C PHE A 30 8.96 -10.45 13.70
N ASN A 31 7.73 -10.16 14.08
CA ASN A 31 7.04 -10.97 15.06
C ASN A 31 6.89 -12.41 14.63
N GLN A 32 6.38 -12.61 13.43
CA GLN A 32 6.16 -13.90 12.86
C GLN A 32 7.43 -14.67 12.63
N GLU A 33 8.42 -14.03 12.05
CA GLU A 33 9.64 -14.70 11.69
C GLU A 33 10.61 -15.00 12.81
N PHE A 34 10.63 -14.22 13.86
CA PHE A 34 11.69 -14.31 14.82
C PHE A 34 11.22 -14.43 16.24
N GLY A 35 10.03 -13.93 16.51
CA GLY A 35 9.51 -14.04 17.84
C GLY A 35 9.96 -12.92 18.71
N ASP A 36 10.26 -13.26 19.95
CA ASP A 36 10.73 -12.29 20.92
C ASP A 36 12.21 -11.99 20.76
N GLU A 37 12.80 -12.48 19.69
CA GLU A 37 14.16 -12.10 19.42
C GLU A 37 14.27 -10.63 19.08
N TYR A 38 13.15 -9.97 18.88
CA TYR A 38 13.11 -8.59 18.51
C TYR A 38 11.94 -7.93 19.10
N GLN A 39 12.11 -6.72 19.56
CA GLN A 39 11.00 -5.96 20.05
C GLN A 39 10.91 -4.72 19.22
N VAL A 40 9.73 -4.44 18.73
CA VAL A 40 9.55 -3.48 17.67
C VAL A 40 8.60 -2.35 18.00
N PHE A 41 9.10 -1.15 17.99
CA PHE A 41 8.31 0.01 18.32
C PHE A 41 8.19 0.93 17.14
N ILE A 42 7.05 1.59 17.04
CA ILE A 42 6.82 2.50 15.97
C ILE A 42 6.58 3.80 16.64
N THR A 43 7.32 4.81 16.19
CA THR A 43 7.30 6.12 16.84
C THR A 43 6.88 7.21 15.88
N ASP A 44 5.85 7.96 16.27
CA ASP A 44 5.34 9.07 15.46
C ASP A 44 5.87 10.38 16.01
N LEU A 45 6.74 11.03 15.25
CA LEU A 45 7.38 12.25 15.69
C LEU A 45 6.88 13.38 14.87
N ILE A 95 12.87 18.24 15.88
CA ILE A 95 12.64 16.87 15.49
C ILE A 95 13.78 16.18 16.15
N ALA A 96 14.91 16.86 16.16
CA ALA A 96 16.14 16.34 16.72
C ALA A 96 15.99 15.93 18.17
N ARG A 97 15.32 16.74 18.96
CA ARG A 97 15.19 16.50 20.37
C ARG A 97 14.32 15.30 20.61
N GLU A 98 13.35 15.09 19.74
CA GLU A 98 12.43 13.97 19.88
C GLU A 98 13.08 12.69 19.50
N ILE A 99 13.99 12.81 18.56
CA ILE A 99 14.73 11.70 18.04
C ILE A 99 15.69 11.27 19.13
N ALA A 100 16.33 12.26 19.70
CA ALA A 100 17.28 12.08 20.75
C ALA A 100 16.57 11.45 21.92
N GLN A 101 15.33 11.83 22.11
CA GLN A 101 14.57 11.24 23.17
C GLN A 101 14.27 9.78 22.90
N GLY A 102 13.67 9.52 21.75
CA GLY A 102 13.27 8.19 21.38
C GLY A 102 14.42 7.26 21.26
N LEU A 103 15.58 7.81 21.02
CA LEU A 103 16.80 7.04 21.06
C LEU A 103 17.02 6.47 22.42
N MET A 104 16.87 7.30 23.43
CA MET A 104 17.08 6.89 24.79
C MET A 104 15.96 6.05 25.35
N LYS A 105 14.76 6.24 24.86
CA LYS A 105 13.65 5.46 25.33
C LYS A 105 13.76 4.03 24.88
N TYR A 106 14.23 3.83 23.65
CA TYR A 106 14.22 2.49 23.06
C TYR A 106 15.62 1.96 22.76
N GLN A 107 16.61 2.82 22.84
CA GLN A 107 17.96 2.37 22.58
C GLN A 107 17.98 1.32 21.50
N PRO A 108 17.58 1.68 20.33
CA PRO A 108 17.38 0.64 19.30
C PRO A 108 18.73 0.06 18.85
N ASP A 109 18.74 -1.24 18.55
CA ASP A 109 19.79 -1.88 17.78
C ASP A 109 19.68 -1.53 16.30
N ILE A 110 18.45 -1.44 15.82
CA ILE A 110 18.21 -1.10 14.41
C ILE A 110 17.09 -0.08 14.27
N ILE A 111 17.32 0.94 13.44
CA ILE A 111 16.33 1.98 13.21
C ILE A 111 15.83 1.93 11.78
N ILE A 112 14.52 1.92 11.60
CA ILE A 112 13.92 1.89 10.28
C ILE A 112 13.09 3.13 10.02
N SER A 113 13.32 3.75 8.87
CA SER A 113 12.55 4.91 8.48
C SER A 113 11.63 4.53 7.33
N VAL A 114 10.35 4.81 7.49
CA VAL A 114 9.36 4.61 6.45
C VAL A 114 8.88 5.98 5.97
N HIS A 115 9.66 6.99 6.27
CA HIS A 115 9.30 8.37 6.01
C HIS A 115 10.37 9.08 5.22
N PRO A 116 9.98 9.93 4.30
CA PRO A 116 10.90 10.72 3.48
C PRO A 116 11.75 11.74 4.24
N LEU A 117 11.24 12.20 5.38
CA LEU A 117 11.93 13.22 6.17
C LEU A 117 12.77 12.64 7.29
N MET A 118 12.79 11.31 7.37
CA MET A 118 13.39 10.61 8.51
C MET A 118 14.80 10.09 8.23
N GLN A 119 15.47 10.63 7.21
CA GLN A 119 16.88 10.29 7.03
C GLN A 119 17.88 11.30 7.61
N HIS A 120 17.85 12.53 7.16
CA HIS A 120 18.84 13.51 7.50
C HIS A 120 18.97 13.91 8.95
N VAL A 121 17.89 14.23 9.59
CA VAL A 121 17.93 14.62 10.99
C VAL A 121 18.28 13.49 11.95
N PRO A 122 17.70 12.32 11.73
CA PRO A 122 17.99 11.16 12.57
C PRO A 122 19.44 10.70 12.44
N LEU A 123 19.95 10.72 11.23
CA LEU A 123 21.35 10.39 11.00
C LEU A 123 22.33 11.38 11.65
N ARG A 124 22.02 12.65 11.58
CA ARG A 124 22.79 13.66 12.22
C ARG A 124 22.88 13.46 13.70
N VAL A 125 21.77 13.19 14.31
CA VAL A 125 21.66 12.94 15.70
C VAL A 125 22.33 11.67 16.10
N LEU A 126 22.39 10.71 15.18
CA LEU A 126 23.06 9.45 15.44
C LEU A 126 24.56 9.67 15.50
N ARG A 127 25.04 10.54 14.63
CA ARG A 127 26.45 10.89 14.60
C ARG A 127 26.79 11.89 15.70
N SER A 128 25.77 12.53 16.27
CA SER A 128 25.99 13.48 17.31
C SER A 128 26.17 12.76 18.62
N LYS A 129 25.81 11.50 18.66
CA LYS A 129 25.79 10.78 19.88
C LYS A 129 26.65 9.57 19.73
N GLY A 130 27.40 9.55 18.65
CA GLY A 130 28.35 8.49 18.40
C GLY A 130 27.72 7.12 18.22
N LEU A 131 26.51 7.08 17.72
CA LEU A 131 25.72 5.87 17.70
C LEU A 131 25.67 5.24 16.35
N LEU A 132 26.21 5.92 15.39
CA LEU A 132 26.09 5.55 14.04
C LEU A 132 26.77 4.26 13.66
N LYS A 133 27.83 3.88 14.33
CA LYS A 133 28.48 2.61 14.05
C LYS A 133 27.88 1.46 14.83
N LYS A 134 27.30 1.74 15.98
CA LYS A 134 26.54 0.75 16.75
C LYS A 134 25.21 0.34 16.12
N ILE A 135 24.45 1.33 15.64
CA ILE A 135 23.08 1.11 15.25
C ILE A 135 22.93 1.01 13.76
N VAL A 136 22.34 -0.08 13.31
CA VAL A 136 22.05 -0.22 11.90
C VAL A 136 20.95 0.78 11.56
N PHE A 137 21.10 1.53 10.49
CA PHE A 137 20.08 2.44 10.06
C PHE A 137 19.57 2.07 8.67
N THR A 138 18.26 1.85 8.54
CA THR A 138 17.69 1.44 7.27
C THR A 138 16.50 2.28 6.84
N THR A 139 16.29 2.36 5.54
CA THR A 139 15.18 3.08 4.99
C THR A 139 14.36 2.18 4.11
N VAL A 140 13.07 2.23 4.30
CA VAL A 140 12.10 1.59 3.46
C VAL A 140 11.30 2.67 2.75
N ILE A 141 11.62 2.88 1.49
CA ILE A 141 10.97 3.89 0.71
C ILE A 141 9.55 3.47 0.37
N THR A 142 8.61 4.35 0.67
CA THR A 142 7.21 4.05 0.47
C THR A 142 6.64 4.76 -0.74
N ASP A 143 7.52 5.36 -1.54
CA ASP A 143 7.10 5.95 -2.79
C ASP A 143 7.40 4.92 -3.84
N LEU A 144 6.38 4.53 -4.60
CA LEU A 144 6.48 3.46 -5.59
C LEU A 144 7.38 3.82 -6.74
N SER A 145 7.41 5.12 -7.00
CA SER A 145 8.21 5.72 -8.04
C SER A 145 8.39 7.21 -7.78
N THR A 146 9.22 7.86 -8.57
CA THR A 146 9.28 9.33 -8.62
C THR A 146 9.41 10.00 -7.27
N CYS A 147 10.47 9.72 -6.58
CA CYS A 147 10.60 10.19 -5.25
C CYS A 147 11.38 11.48 -5.09
N HIS A 148 11.44 11.88 -3.86
CA HIS A 148 12.04 13.08 -3.50
C HIS A 148 13.41 12.68 -3.07
N PRO A 149 14.36 13.59 -3.27
CA PRO A 149 15.77 13.30 -2.97
C PRO A 149 16.01 12.92 -1.51
N THR A 150 15.21 13.47 -0.61
CA THR A 150 15.36 13.21 0.78
C THR A 150 15.24 11.76 1.19
N TRP A 151 14.71 10.90 0.35
CA TRP A 151 14.59 9.50 0.69
C TRP A 151 15.93 8.88 0.79
N PHE A 152 16.92 9.48 0.19
CA PHE A 152 18.24 8.90 0.11
C PHE A 152 19.30 9.62 0.91
N HIS A 153 20.18 8.83 1.52
CA HIS A 153 21.22 9.35 2.39
C HIS A 153 22.40 8.41 2.41
N LYS A 154 23.58 8.96 2.15
CA LYS A 154 24.77 8.15 2.05
C LYS A 154 25.21 7.46 3.31
N LEU A 155 24.82 7.93 4.45
CA LEU A 155 25.24 7.34 5.70
C LEU A 155 24.41 6.17 6.12
N VAL A 156 23.34 5.90 5.39
CA VAL A 156 22.52 4.75 5.64
C VAL A 156 23.21 3.45 5.35
N THR A 157 22.76 2.44 6.03
CA THR A 157 23.31 1.12 5.91
C THR A 157 22.70 0.46 4.73
N ARG A 158 21.38 0.42 4.71
CA ARG A 158 20.66 -0.16 3.63
C ARG A 158 19.39 0.61 3.36
N CYS A 159 19.08 0.73 2.07
CA CYS A 159 17.88 1.40 1.61
C CYS A 159 17.10 0.39 0.77
N TYR A 160 15.88 0.10 1.19
CA TYR A 160 15.09 -0.91 0.54
C TYR A 160 14.10 -0.36 -0.45
N CYS A 161 14.25 -0.71 -1.71
CA CYS A 161 13.49 -0.14 -2.79
C CYS A 161 12.29 -0.93 -3.23
N PRO A 162 11.24 -0.25 -3.64
CA PRO A 162 10.05 -0.98 -4.08
C PRO A 162 10.07 -1.27 -5.55
N SER A 163 10.90 -0.59 -6.31
CA SER A 163 11.03 -0.86 -7.72
C SER A 163 12.45 -0.68 -8.14
N THR A 164 12.70 -1.03 -9.38
CA THR A 164 14.03 -0.91 -9.93
C THR A 164 14.20 0.53 -10.30
N GLU A 165 13.09 1.20 -10.58
CA GLU A 165 13.10 2.63 -10.85
C GLU A 165 13.62 3.41 -9.64
N VAL A 166 13.08 3.10 -8.46
CA VAL A 166 13.51 3.78 -7.25
C VAL A 166 14.97 3.50 -6.96
N ALA A 167 15.39 2.28 -7.22
CA ALA A 167 16.76 1.85 -7.03
C ALA A 167 17.70 2.62 -7.95
N LYS A 168 17.25 2.90 -9.16
CA LYS A 168 18.01 3.70 -10.09
C LYS A 168 18.23 5.11 -9.55
N ARG A 169 17.21 5.64 -8.89
CA ARG A 169 17.31 6.91 -8.18
C ARG A 169 18.29 6.88 -6.99
N ALA A 170 18.34 5.76 -6.28
CA ALA A 170 19.33 5.59 -5.21
C ALA A 170 20.77 5.61 -5.71
N GLN A 171 21.01 4.97 -6.85
CA GLN A 171 22.31 5.00 -7.52
C GLN A 171 22.65 6.41 -7.96
N LYS A 172 21.63 7.12 -8.41
CA LYS A 172 21.77 8.50 -8.81
C LYS A 172 22.25 9.29 -7.61
N ALA A 173 21.84 8.88 -6.42
CA ALA A 173 22.20 9.66 -5.26
C ALA A 173 23.50 9.30 -4.64
N GLY A 174 24.26 8.40 -5.26
CA GLY A 174 25.59 8.05 -4.79
C GLY A 174 25.71 6.87 -3.84
N LEU A 175 24.61 6.18 -3.62
CA LEU A 175 24.58 5.06 -2.72
C LEU A 175 25.19 3.92 -3.45
N GLU A 176 25.94 3.11 -2.76
CA GLU A 176 26.66 2.04 -3.41
C GLU A 176 25.84 0.79 -3.36
N THR A 177 26.28 -0.24 -4.07
CA THR A 177 25.51 -1.47 -4.21
C THR A 177 25.16 -2.16 -2.89
N SER A 178 26.00 -2.02 -1.91
CA SER A 178 25.74 -2.62 -0.61
C SER A 178 24.59 -1.93 0.08
N GLN A 179 24.33 -0.68 -0.30
CA GLN A 179 23.28 0.09 0.35
C GLN A 179 21.91 -0.01 -0.32
N ILE A 180 21.81 -0.75 -1.42
CA ILE A 180 20.58 -0.77 -2.17
C ILE A 180 20.00 -2.14 -2.36
N LYS A 181 18.74 -2.33 -2.05
CA LYS A 181 18.12 -3.60 -2.28
C LYS A 181 16.80 -3.32 -2.90
N VAL A 182 16.30 -4.25 -3.69
CA VAL A 182 15.00 -4.13 -4.27
C VAL A 182 14.14 -5.32 -4.01
N TYR A 183 13.31 -5.25 -2.99
CA TYR A 183 12.48 -6.36 -2.60
C TYR A 183 10.99 -6.11 -2.81
N GLY A 184 10.65 -4.87 -3.10
CA GLY A 184 9.28 -4.45 -3.22
C GLY A 184 8.83 -3.74 -1.94
N LEU A 185 7.60 -3.25 -1.97
CA LEU A 185 7.02 -2.55 -0.87
C LEU A 185 6.34 -3.50 0.06
N PRO A 186 6.68 -3.40 1.33
CA PRO A 186 6.20 -4.36 2.31
C PRO A 186 4.70 -4.26 2.53
N VAL A 187 4.07 -5.42 2.63
CA VAL A 187 2.66 -5.54 2.85
C VAL A 187 2.57 -6.53 3.98
N ARG A 188 1.50 -6.46 4.77
CA ARG A 188 1.32 -7.36 5.90
C ARG A 188 1.36 -8.83 5.48
N PRO A 189 1.88 -9.68 6.35
CA PRO A 189 1.95 -11.12 6.08
C PRO A 189 0.59 -11.78 5.93
N SER A 190 -0.33 -11.30 6.78
CA SER A 190 -1.68 -11.81 6.91
C SER A 190 -2.44 -11.47 5.65
N PHE A 191 -2.07 -10.38 5.00
CA PHE A 191 -2.53 -10.19 3.64
C PHE A 191 -2.09 -11.28 2.67
N VAL A 192 -0.84 -11.71 2.81
CA VAL A 192 -0.21 -12.62 1.87
C VAL A 192 -0.63 -14.10 1.90
N LYS A 193 -1.44 -14.47 2.89
CA LYS A 193 -1.95 -15.84 2.95
C LYS A 193 -2.90 -16.07 1.77
N PRO A 194 -2.71 -17.20 1.11
CA PRO A 194 -3.49 -17.51 -0.06
C PRO A 194 -4.88 -17.57 0.44
N VAL A 195 -5.81 -17.03 -0.32
CA VAL A 195 -7.15 -16.89 0.22
C VAL A 195 -8.23 -17.77 -0.40
N ARG A 196 -9.33 -17.89 0.34
CA ARG A 196 -10.44 -18.74 -0.03
C ARG A 196 -10.91 -18.42 -1.43
N PRO A 197 -11.76 -19.29 -1.95
CA PRO A 197 -12.29 -19.11 -3.31
C PRO A 197 -13.23 -17.92 -3.36
N LYS A 198 -13.34 -17.36 -4.56
CA LYS A 198 -14.05 -16.11 -4.78
C LYS A 198 -15.48 -16.14 -4.27
N VAL A 199 -16.18 -17.26 -4.50
CA VAL A 199 -17.55 -17.30 -4.13
C VAL A 199 -17.73 -17.45 -2.64
N GLU A 200 -16.74 -18.02 -1.98
CA GLU A 200 -16.78 -18.12 -0.55
C GLU A 200 -16.54 -16.77 0.15
N LEU A 201 -15.68 -15.95 -0.42
CA LEU A 201 -15.45 -14.62 0.05
C LEU A 201 -16.65 -13.76 -0.20
N ARG A 202 -17.19 -13.87 -1.41
CA ARG A 202 -18.35 -13.09 -1.80
C ARG A 202 -19.52 -13.30 -0.85
N ARG A 203 -19.73 -14.56 -0.46
CA ARG A 203 -20.79 -14.90 0.44
C ARG A 203 -20.59 -14.37 1.85
N GLU A 204 -19.33 -14.36 2.29
CA GLU A 204 -18.99 -13.88 3.62
C GLU A 204 -19.11 -12.37 3.68
N LEU A 205 -19.07 -11.73 2.52
CA LEU A 205 -19.19 -10.32 2.44
C LEU A 205 -20.54 -9.86 1.97
N GLY A 206 -21.46 -10.77 1.81
CA GLY A 206 -22.79 -10.45 1.40
C GLY A 206 -22.91 -10.01 -0.02
N MET A 207 -21.97 -10.39 -0.84
CA MET A 207 -22.04 -10.09 -2.25
C MET A 207 -22.69 -11.20 -3.07
N ASP A 208 -23.01 -10.84 -4.31
CA ASP A 208 -23.46 -11.78 -5.30
C ASP A 208 -22.27 -12.66 -5.68
N GLU A 209 -22.57 -13.90 -6.03
CA GLU A 209 -21.58 -14.88 -6.32
C GLU A 209 -21.03 -14.87 -7.69
N ASN A 210 -21.74 -14.36 -8.67
CA ASN A 210 -21.31 -14.52 -10.02
C ASN A 210 -20.90 -13.27 -10.75
N LEU A 211 -21.44 -12.14 -10.36
CA LEU A 211 -21.13 -10.91 -11.05
C LEU A 211 -19.71 -10.43 -10.81
N PRO A 212 -19.15 -9.82 -11.82
CA PRO A 212 -17.85 -9.21 -11.63
C PRO A 212 -18.00 -8.01 -10.73
N ALA A 213 -16.98 -7.75 -9.95
CA ALA A 213 -17.03 -6.78 -8.91
C ALA A 213 -15.92 -5.78 -8.96
N VAL A 214 -16.27 -4.53 -8.67
CA VAL A 214 -15.28 -3.48 -8.52
C VAL A 214 -15.19 -3.10 -7.06
N LEU A 215 -13.98 -3.12 -6.52
CA LEU A 215 -13.75 -2.65 -5.20
C LEU A 215 -13.63 -1.12 -5.23
N LEU A 216 -14.51 -0.43 -4.55
CA LEU A 216 -14.45 1.02 -4.49
C LEU A 216 -14.02 1.45 -3.12
N MET A 217 -12.91 2.16 -3.02
CA MET A 217 -12.44 2.65 -1.72
C MET A 217 -12.81 4.10 -1.55
N GLY A 218 -13.64 4.41 -0.57
CA GLY A 218 -14.07 5.77 -0.33
C GLY A 218 -13.43 6.45 0.85
N GLY A 219 -12.57 5.74 1.56
CA GLY A 219 -11.91 6.28 2.72
C GLY A 219 -10.88 7.31 2.38
N GLY A 220 -10.70 8.29 3.24
CA GLY A 220 -9.64 9.25 3.07
C GLY A 220 -9.77 10.37 2.06
N GLU A 221 -8.61 10.94 1.73
CA GLU A 221 -8.50 12.21 1.03
C GLU A 221 -7.90 12.05 -0.36
N GLY A 222 -8.21 12.97 -1.25
CA GLY A 222 -7.63 12.98 -2.55
C GLY A 222 -8.42 12.43 -3.70
N MET A 223 -9.61 11.94 -3.49
CA MET A 223 -10.32 11.27 -4.52
C MET A 223 -11.36 12.12 -5.11
N GLY A 224 -11.80 11.76 -6.29
CA GLY A 224 -12.95 12.33 -6.91
C GLY A 224 -14.16 11.94 -6.13
N PRO A 225 -15.31 12.50 -6.48
CA PRO A 225 -16.57 12.18 -5.78
C PRO A 225 -16.96 10.71 -5.69
N ILE A 226 -16.96 10.16 -4.49
CA ILE A 226 -17.26 8.77 -4.27
C ILE A 226 -18.71 8.43 -4.46
N GLU A 227 -19.59 9.25 -3.96
CA GLU A 227 -21.01 9.00 -4.12
C GLU A 227 -21.46 9.10 -5.57
N ALA A 228 -20.96 10.11 -6.28
CA ALA A 228 -21.26 10.27 -7.69
C ALA A 228 -20.71 9.10 -8.48
N THR A 229 -19.53 8.66 -8.09
CA THR A 229 -18.90 7.53 -8.73
C THR A 229 -19.66 6.22 -8.56
N ALA A 230 -20.16 5.97 -7.36
CA ALA A 230 -20.99 4.81 -7.08
C ALA A 230 -22.31 4.83 -7.84
N ARG A 231 -22.93 6.00 -7.91
CA ARG A 231 -24.13 6.16 -8.70
C ARG A 231 -23.88 5.97 -10.19
N ALA A 232 -22.76 6.47 -10.66
CA ALA A 232 -22.36 6.29 -12.04
C ALA A 232 -22.09 4.83 -12.32
N LEU A 233 -21.48 4.15 -11.37
CA LEU A 233 -21.18 2.74 -11.49
C LEU A 233 -22.46 1.94 -11.61
N ALA A 234 -23.44 2.30 -10.81
CA ALA A 234 -24.71 1.60 -10.84
C ALA A 234 -25.43 1.74 -12.18
N ASP A 235 -25.32 2.92 -12.79
CA ASP A 235 -25.98 3.17 -14.08
C ASP A 235 -25.32 2.41 -15.24
N ALA A 236 -23.99 2.37 -15.22
CA ALA A 236 -23.23 1.75 -16.27
C ALA A 236 -23.33 0.25 -16.23
N LEU A 237 -23.60 -0.30 -15.07
CA LEU A 237 -23.61 -1.72 -14.89
C LEU A 237 -25.03 -2.25 -14.81
N TYR A 238 -25.97 -1.51 -15.31
CA TYR A 238 -27.31 -2.00 -15.37
C TYR A 238 -27.79 -2.01 -16.79
N ASP A 239 -28.35 -3.13 -17.17
CA ASP A 239 -29.01 -3.30 -18.42
C ASP A 239 -30.50 -3.13 -18.20
N LYS A 240 -31.05 -2.03 -18.69
CA LYS A 240 -32.45 -1.70 -18.44
C LYS A 240 -33.48 -2.66 -19.05
N ASN A 241 -33.26 -3.08 -20.29
CA ASN A 241 -34.17 -4.02 -20.94
C ASN A 241 -34.19 -5.41 -20.32
N LEU A 242 -33.00 -5.90 -20.00
CA LEU A 242 -32.83 -7.18 -19.35
C LEU A 242 -33.30 -7.20 -17.91
N GLY A 243 -33.22 -6.07 -17.24
CA GLY A 243 -33.37 -6.00 -15.81
C GLY A 243 -32.25 -6.76 -15.15
N GLU A 244 -31.09 -6.71 -15.78
CA GLU A 244 -29.92 -7.47 -15.37
C GLU A 244 -28.75 -6.58 -14.95
N ALA A 245 -28.21 -6.83 -13.76
CA ALA A 245 -26.97 -6.26 -13.34
C ALA A 245 -25.87 -6.90 -14.12
N VAL A 246 -25.00 -6.09 -14.65
CA VAL A 246 -23.90 -6.52 -15.41
C VAL A 246 -22.71 -6.69 -14.47
N GLY A 247 -22.65 -5.93 -13.42
CA GLY A 247 -21.61 -6.10 -12.43
C GLY A 247 -22.05 -5.75 -11.05
N GLN A 248 -21.14 -5.80 -10.12
CA GLN A 248 -21.44 -5.45 -8.76
C GLN A 248 -20.35 -4.63 -8.13
N VAL A 249 -20.67 -3.97 -7.04
CA VAL A 249 -19.77 -3.08 -6.36
C VAL A 249 -19.63 -3.41 -4.91
N LEU A 250 -18.42 -3.31 -4.42
CA LEU A 250 -18.15 -3.39 -3.02
C LEU A 250 -17.47 -2.10 -2.58
N ILE A 251 -18.13 -1.30 -1.77
CA ILE A 251 -17.57 -0.03 -1.34
C ILE A 251 -17.05 -0.10 0.08
N ILE A 252 -15.80 0.23 0.24
CA ILE A 252 -15.20 0.23 1.53
C ILE A 252 -14.96 1.64 1.95
N CYS A 253 -15.61 2.06 3.01
CA CYS A 253 -15.63 3.45 3.38
C CYS A 253 -14.51 3.87 4.28
N GLY A 254 -13.79 2.91 4.83
CA GLY A 254 -12.76 3.22 5.79
C GLY A 254 -13.38 3.94 6.96
N ARG A 255 -12.84 5.11 7.29
CA ARG A 255 -13.32 5.89 8.41
C ARG A 255 -14.34 6.94 8.02
N ASN A 256 -14.69 7.04 6.73
CA ASN A 256 -15.66 8.03 6.34
C ASN A 256 -17.05 7.51 6.56
N LYS A 257 -17.57 7.91 7.70
CA LYS A 257 -18.77 7.39 8.25
C LYS A 257 -19.97 8.12 7.78
N LYS A 258 -19.80 9.35 7.37
CA LYS A 258 -20.87 10.07 6.80
C LYS A 258 -21.15 9.54 5.44
N LEU A 259 -20.13 9.15 4.73
CA LEU A 259 -20.27 8.52 3.45
C LEU A 259 -20.83 7.15 3.58
N GLN A 260 -20.47 6.45 4.62
CA GLN A 260 -20.93 5.10 4.82
C GLN A 260 -22.43 4.99 5.04
N SER A 261 -23.02 5.93 5.74
CA SER A 261 -24.42 5.88 6.04
C SER A 261 -25.26 6.33 4.92
N LYS A 262 -24.73 7.25 4.12
CA LYS A 262 -25.48 7.82 3.01
C LYS A 262 -25.59 6.76 1.93
N LEU A 263 -24.50 6.03 1.75
CA LEU A 263 -24.36 5.08 0.65
C LEU A 263 -25.11 3.81 0.98
N SER A 264 -25.18 3.47 2.27
CA SER A 264 -25.91 2.32 2.66
C SER A 264 -27.34 2.62 3.02
N SER A 265 -27.83 3.76 2.64
CA SER A 265 -29.22 4.05 2.77
C SER A 265 -29.84 4.23 1.41
N LEU A 266 -29.01 4.20 0.38
CA LEU A 266 -29.51 4.26 -0.97
C LEU A 266 -30.04 2.96 -1.52
N ASP A 267 -30.92 3.09 -2.51
CA ASP A 267 -31.50 1.96 -3.21
C ASP A 267 -30.72 1.79 -4.49
N TRP A 268 -30.09 0.62 -4.67
CA TRP A 268 -29.14 0.48 -5.72
C TRP A 268 -29.67 -0.34 -6.85
N LYS A 269 -29.26 -0.01 -8.04
CA LYS A 269 -29.70 -0.71 -9.23
C LYS A 269 -29.10 -2.07 -9.32
N ILE A 270 -27.84 -2.17 -8.95
CA ILE A 270 -27.13 -3.38 -8.95
C ILE A 270 -26.81 -3.69 -7.52
N PRO A 271 -26.29 -4.89 -7.28
CA PRO A 271 -25.83 -5.27 -5.94
C PRO A 271 -24.71 -4.29 -5.58
N VAL A 272 -24.86 -3.61 -4.45
CA VAL A 272 -23.86 -2.79 -3.86
C VAL A 272 -23.72 -3.11 -2.39
N GLN A 273 -22.54 -3.48 -2.00
CA GLN A 273 -22.29 -3.68 -0.61
C GLN A 273 -21.46 -2.55 -0.06
N VAL A 274 -21.91 -1.98 1.05
CA VAL A 274 -21.25 -0.88 1.71
C VAL A 274 -20.63 -1.27 3.01
N LYS A 275 -19.36 -0.98 3.21
CA LYS A 275 -18.71 -1.26 4.49
C LYS A 275 -18.02 -0.09 5.13
N GLY A 276 -17.62 -0.25 6.38
CA GLY A 276 -16.87 0.78 7.07
C GLY A 276 -15.39 0.45 7.04
N PHE A 277 -14.85 0.12 8.21
CA PHE A 277 -13.48 -0.32 8.33
C PHE A 277 -13.39 -1.83 8.22
N ILE A 278 -12.42 -2.28 7.44
CA ILE A 278 -12.18 -3.70 7.22
C ILE A 278 -10.79 -4.02 7.71
N THR A 279 -10.70 -4.97 8.63
CA THR A 279 -9.42 -5.48 9.06
C THR A 279 -8.69 -6.29 8.01
N LYS A 280 -9.43 -7.17 7.32
CA LYS A 280 -8.84 -8.05 6.33
C LYS A 280 -9.09 -7.56 4.91
N MET A 281 -8.09 -6.92 4.32
CA MET A 281 -8.20 -6.41 2.96
C MET A 281 -8.02 -7.52 1.92
N GLU A 282 -7.37 -8.61 2.32
CA GLU A 282 -7.12 -9.72 1.41
C GLU A 282 -8.39 -10.43 0.98
N GLU A 283 -9.31 -10.62 1.91
CA GLU A 283 -10.60 -11.21 1.61
C GLU A 283 -11.41 -10.36 0.66
N CYS A 284 -11.38 -9.05 0.88
CA CYS A 284 -12.09 -8.09 0.08
C CYS A 284 -11.54 -7.99 -1.30
N MET A 285 -10.24 -7.99 -1.43
CA MET A 285 -9.64 -7.88 -2.72
C MET A 285 -9.75 -9.19 -3.47
N GLY A 286 -9.80 -10.28 -2.76
CA GLY A 286 -10.00 -11.57 -3.37
C GLY A 286 -11.39 -11.77 -3.88
N ALA A 287 -12.35 -11.08 -3.32
CA ALA A 287 -13.70 -11.15 -3.81
C ALA A 287 -13.97 -10.30 -5.04
N CYS A 288 -13.07 -9.44 -5.44
CA CYS A 288 -13.35 -8.52 -6.53
C CYS A 288 -12.52 -8.73 -7.76
N ASP A 289 -12.82 -7.97 -8.77
CA ASP A 289 -12.21 -8.17 -10.07
C ASP A 289 -11.44 -6.95 -10.53
N CYS A 290 -11.60 -5.83 -9.85
CA CYS A 290 -10.81 -4.66 -10.11
C CYS A 290 -11.04 -3.76 -8.94
N ILE A 291 -10.32 -2.65 -8.91
CA ILE A 291 -10.29 -1.73 -7.79
C ILE A 291 -10.14 -0.25 -8.12
N ILE A 292 -10.93 0.55 -7.43
CA ILE A 292 -10.89 1.99 -7.58
C ILE A 292 -10.35 2.63 -6.33
N THR A 293 -9.29 3.36 -6.46
CA THR A 293 -8.60 3.82 -5.31
C THR A 293 -7.65 4.94 -5.58
N LYS A 294 -7.28 5.61 -4.48
CA LYS A 294 -6.27 6.66 -4.51
C LYS A 294 -4.91 5.99 -4.46
N ALA A 295 -3.93 6.59 -5.09
CA ALA A 295 -2.63 5.98 -5.21
C ALA A 295 -1.89 6.02 -3.89
N GLY A 296 -2.47 5.47 -2.87
CA GLY A 296 -1.79 5.08 -1.67
C GLY A 296 -1.01 3.85 -1.93
N PRO A 297 0.22 3.75 -1.48
CA PRO A 297 1.15 2.73 -1.93
C PRO A 297 0.89 1.29 -1.50
N GLY A 298 0.51 1.11 -0.25
CA GLY A 298 0.05 -0.15 0.24
C GLY A 298 -1.13 -0.71 -0.51
N THR A 299 -2.16 0.06 -0.67
CA THR A 299 -3.30 -0.39 -1.41
C THR A 299 -2.93 -0.85 -2.81
N ILE A 300 -2.02 -0.16 -3.47
CA ILE A 300 -1.53 -0.54 -4.77
C ILE A 300 -0.76 -1.86 -4.73
N ALA A 301 0.10 -2.01 -3.75
CA ALA A 301 0.91 -3.18 -3.69
C ALA A 301 0.05 -4.35 -3.34
N GLU A 302 -1.00 -4.12 -2.61
CA GLU A 302 -1.96 -5.14 -2.29
C GLU A 302 -2.74 -5.60 -3.48
N ALA A 303 -3.15 -4.69 -4.33
CA ALA A 303 -4.01 -4.98 -5.44
C ALA A 303 -3.28 -5.78 -6.47
N MET A 304 -2.01 -5.54 -6.60
CA MET A 304 -1.19 -6.25 -7.50
C MET A 304 -0.94 -7.68 -7.08
N ILE A 305 -0.78 -7.87 -5.80
CA ILE A 305 -0.69 -9.19 -5.26
C ILE A 305 -1.93 -9.99 -5.56
N ARG A 306 -3.08 -9.32 -5.58
CA ARG A 306 -4.35 -9.97 -5.85
C ARG A 306 -4.74 -9.86 -7.32
N GLY A 307 -3.80 -9.43 -8.15
CA GLY A 307 -4.08 -9.31 -9.54
C GLY A 307 -5.30 -8.47 -9.85
N LEU A 308 -5.45 -7.33 -9.20
CA LEU A 308 -6.53 -6.41 -9.43
C LEU A 308 -6.07 -5.25 -10.26
N PRO A 309 -6.67 -5.05 -11.41
CA PRO A 309 -6.35 -3.90 -12.23
C PRO A 309 -6.89 -2.68 -11.56
N ILE A 310 -6.14 -1.61 -11.59
CA ILE A 310 -6.43 -0.47 -10.79
C ILE A 310 -6.90 0.69 -11.58
N ILE A 311 -7.93 1.34 -11.08
CA ILE A 311 -8.29 2.67 -11.47
C ILE A 311 -7.89 3.60 -10.37
N LEU A 312 -6.86 4.40 -10.59
CA LEU A 312 -6.48 5.37 -9.63
C LEU A 312 -7.38 6.57 -9.61
N ASN A 313 -8.01 6.75 -8.47
CA ASN A 313 -9.02 7.71 -8.22
C ASN A 313 -8.43 9.02 -7.76
N GLY A 314 -7.13 9.09 -7.65
CA GLY A 314 -6.52 10.31 -7.26
C GLY A 314 -5.40 9.98 -6.35
N TYR A 315 -4.88 10.96 -5.66
CA TYR A 315 -3.76 10.76 -4.77
C TYR A 315 -3.68 11.88 -3.79
N ILE A 316 -2.92 11.69 -2.72
CA ILE A 316 -2.61 12.81 -1.85
C ILE A 316 -1.47 13.55 -2.51
N ALA A 317 -1.72 14.80 -2.83
CA ALA A 317 -0.75 15.62 -3.50
C ALA A 317 0.48 15.85 -2.66
N GLY A 318 1.61 15.80 -3.33
CA GLY A 318 2.89 15.99 -2.70
C GLY A 318 3.40 14.72 -2.11
N GLN A 319 2.58 13.68 -2.17
CA GLN A 319 2.84 12.46 -1.45
C GLN A 319 2.80 11.27 -2.36
N GLU A 320 1.65 11.01 -2.95
CA GLU A 320 1.41 9.78 -3.68
C GLU A 320 1.44 9.90 -5.20
N ALA A 321 1.78 11.06 -5.74
CA ALA A 321 1.64 11.21 -7.17
C ALA A 321 2.66 10.48 -8.04
N GLY A 322 3.72 9.99 -7.42
CA GLY A 322 4.73 9.19 -8.07
C GLY A 322 4.33 7.75 -8.17
N ASN A 323 3.26 7.38 -7.48
CA ASN A 323 2.68 6.08 -7.55
C ASN A 323 1.88 5.85 -8.81
N VAL A 324 1.39 6.89 -9.42
CA VAL A 324 0.56 6.76 -10.59
C VAL A 324 1.21 6.16 -11.81
N PRO A 325 2.41 6.58 -12.15
CA PRO A 325 3.13 5.98 -13.24
C PRO A 325 3.51 4.57 -12.95
N TYR A 326 3.75 4.24 -11.71
CA TYR A 326 4.11 2.88 -11.42
C TYR A 326 2.97 1.96 -11.79
N VAL A 327 1.76 2.44 -11.69
CA VAL A 327 0.62 1.66 -12.05
C VAL A 327 0.35 1.70 -13.53
N VAL A 328 0.29 2.90 -14.08
CA VAL A 328 -0.17 3.13 -15.41
C VAL A 328 0.81 2.74 -16.50
N GLU A 329 2.06 3.16 -16.33
CA GLU A 329 3.14 2.88 -17.27
C GLU A 329 3.53 1.41 -17.27
N ASN A 330 3.13 0.70 -16.23
CA ASN A 330 3.38 -0.72 -16.13
C ASN A 330 2.20 -1.58 -16.55
N GLY A 331 1.20 -0.95 -17.13
CA GLY A 331 0.06 -1.66 -17.69
C GLY A 331 -0.90 -2.23 -16.69
N CYS A 332 -0.85 -1.74 -15.47
CA CYS A 332 -1.71 -2.24 -14.41
C CYS A 332 -2.98 -1.45 -14.15
N GLY A 333 -3.18 -0.35 -14.84
CA GLY A 333 -4.35 0.45 -14.54
C GLY A 333 -4.44 1.79 -15.20
N LYS A 334 -5.42 2.57 -14.75
CA LYS A 334 -5.71 3.87 -15.32
C LYS A 334 -5.87 4.96 -14.27
N PHE A 335 -5.85 6.20 -14.70
CA PHE A 335 -6.16 7.32 -13.86
C PHE A 335 -7.41 8.05 -14.29
N SER A 336 -8.26 8.39 -13.35
CA SER A 336 -9.41 9.24 -13.55
C SER A 336 -10.03 9.65 -12.23
N LYS A 337 -10.48 10.87 -12.14
CA LYS A 337 -11.20 11.32 -10.99
C LYS A 337 -12.66 11.46 -11.27
N SER A 338 -13.01 11.43 -12.52
CA SER A 338 -14.39 11.67 -12.94
C SER A 338 -15.24 10.42 -12.76
N PRO A 339 -16.45 10.60 -12.24
CA PRO A 339 -17.35 9.45 -12.05
C PRO A 339 -17.78 8.87 -13.37
N LYS A 340 -18.05 9.73 -14.33
CA LYS A 340 -18.44 9.30 -15.66
C LYS A 340 -17.34 8.50 -16.35
N GLU A 341 -16.11 8.96 -16.23
CA GLU A 341 -14.97 8.30 -16.87
C GLU A 341 -14.64 6.98 -16.21
N ILE A 342 -14.82 6.91 -14.89
CA ILE A 342 -14.51 5.76 -14.11
C ILE A 342 -15.47 4.65 -14.44
N SER A 343 -16.74 4.95 -14.46
CA SER A 343 -17.71 3.93 -14.62
C SER A 343 -17.69 3.32 -15.98
N LYS A 344 -17.33 4.12 -16.98
CA LYS A 344 -17.17 3.63 -18.34
C LYS A 344 -16.02 2.62 -18.40
N ILE A 345 -14.95 2.93 -17.67
CA ILE A 345 -13.81 2.04 -17.62
C ILE A 345 -14.18 0.71 -17.02
N VAL A 346 -14.98 0.71 -15.97
CA VAL A 346 -15.37 -0.51 -15.33
C VAL A 346 -16.35 -1.21 -16.24
N ALA A 347 -17.27 -0.49 -16.83
CA ALA A 347 -18.23 -1.09 -17.69
C ALA A 347 -17.63 -1.71 -18.91
N ASP A 348 -16.62 -1.10 -19.46
CA ASP A 348 -15.92 -1.70 -20.55
C ASP A 348 -15.09 -2.90 -20.13
N TRP A 349 -14.47 -2.81 -18.97
CA TRP A 349 -13.68 -3.91 -18.43
C TRP A 349 -14.55 -5.12 -18.09
N PHE A 350 -15.86 -4.90 -17.99
CA PHE A 350 -16.77 -5.95 -17.66
C PHE A 350 -17.55 -6.33 -18.90
N GLY A 351 -17.04 -5.95 -20.06
CA GLY A 351 -17.72 -6.27 -21.30
C GLY A 351 -16.83 -6.25 -22.52
N PRO A 352 -16.80 -5.10 -23.20
CA PRO A 352 -16.09 -4.99 -24.45
C PRO A 352 -14.59 -4.98 -24.35
N ALA A 353 -14.03 -4.47 -23.26
CA ALA A 353 -12.61 -4.50 -23.03
C ALA A 353 -12.24 -5.56 -22.02
N SER A 354 -12.95 -6.66 -21.99
CA SER A 354 -12.69 -7.68 -21.00
C SER A 354 -11.38 -8.39 -21.22
N LYS A 355 -10.89 -8.35 -22.43
CA LYS A 355 -9.57 -8.83 -22.72
C LYS A 355 -8.52 -7.90 -22.15
N GLU A 356 -8.79 -6.62 -22.18
CA GLU A 356 -7.91 -5.67 -21.60
C GLU A 356 -7.85 -5.86 -20.09
N LEU A 357 -8.90 -6.33 -19.48
CA LEU A 357 -8.90 -6.48 -18.07
C LEU A 357 -8.08 -7.66 -17.61
N GLU A 358 -8.13 -8.72 -18.38
CA GLU A 358 -7.42 -9.92 -18.11
C GLU A 358 -5.93 -9.76 -18.33
N ILE A 359 -5.54 -9.00 -19.33
CA ILE A 359 -4.16 -8.65 -19.56
C ILE A 359 -3.54 -7.77 -18.50
N MET A 360 -4.26 -6.75 -18.08
CA MET A 360 -3.85 -5.91 -17.01
C MET A 360 -3.81 -6.68 -15.71
N SER A 361 -4.63 -7.68 -15.61
CA SER A 361 -4.65 -8.46 -14.43
C SER A 361 -3.41 -9.37 -14.35
N GLN A 362 -2.92 -9.80 -15.49
CA GLN A 362 -1.68 -10.53 -15.56
C GLN A 362 -0.48 -9.64 -15.32
N ASN A 363 -0.50 -8.43 -15.85
CA ASN A 363 0.55 -7.50 -15.59
C ASN A 363 0.71 -7.23 -14.10
N ALA A 364 -0.37 -7.23 -13.35
CA ALA A 364 -0.26 -6.96 -11.94
C ALA A 364 0.35 -8.07 -11.12
N LEU A 365 0.08 -9.31 -11.47
CA LEU A 365 0.66 -10.42 -10.83
C LEU A 365 2.12 -10.52 -11.13
N ARG A 366 2.51 -9.98 -12.24
CA ARG A 366 3.86 -10.06 -12.66
C ARG A 366 4.71 -9.04 -11.94
N LEU A 367 4.09 -7.94 -11.59
CA LEU A 367 4.71 -6.89 -10.88
C LEU A 367 4.62 -7.11 -9.41
N ALA A 368 3.77 -8.00 -9.00
CA ALA A 368 3.51 -8.22 -7.61
C ALA A 368 4.69 -8.82 -6.89
N LYS A 369 4.91 -8.35 -5.66
CA LYS A 369 5.98 -8.86 -4.82
C LYS A 369 5.47 -9.14 -3.41
N PRO A 370 4.71 -10.22 -3.28
CA PRO A 370 4.09 -10.59 -2.02
C PRO A 370 5.04 -10.95 -0.91
N GLU A 371 6.28 -11.18 -1.25
CA GLU A 371 7.22 -11.53 -0.24
C GLU A 371 8.17 -10.44 0.18
N ALA A 372 7.91 -9.24 -0.27
CA ALA A 372 8.66 -8.10 0.17
C ALA A 372 8.95 -8.09 1.66
N VAL A 373 7.91 -8.25 2.47
CA VAL A 373 8.04 -8.05 3.92
C VAL A 373 9.02 -9.00 4.58
N PHE A 374 9.05 -10.23 4.09
CA PHE A 374 9.87 -11.27 4.61
C PHE A 374 11.28 -11.10 4.19
N LYS A 375 11.45 -10.71 2.96
CA LYS A 375 12.75 -10.48 2.46
C LYS A 375 13.44 -9.38 3.20
N ILE A 376 12.73 -8.33 3.51
CA ILE A 376 13.28 -7.18 4.17
C ILE A 376 13.77 -7.44 5.56
N VAL A 377 12.98 -8.17 6.30
CA VAL A 377 13.26 -8.40 7.66
C VAL A 377 14.35 -9.43 7.82
N HIS A 378 14.42 -10.39 6.89
CA HIS A 378 15.48 -11.38 6.89
C HIS A 378 16.80 -10.72 6.52
N ASP A 379 16.72 -9.65 5.72
CA ASP A 379 17.90 -8.91 5.32
C ASP A 379 18.40 -8.04 6.47
N MET A 380 17.48 -7.50 7.26
CA MET A 380 17.82 -6.69 8.38
C MET A 380 18.38 -7.57 9.46
N HIS A 381 17.80 -8.76 9.56
CA HIS A 381 18.22 -9.74 10.55
C HIS A 381 19.70 -10.06 10.44
N GLU A 382 20.19 -10.24 9.21
CA GLU A 382 21.59 -10.55 9.02
C GLU A 382 22.46 -9.30 9.09
N LEU A 383 21.88 -8.16 8.78
CA LEU A 383 22.57 -6.88 8.88
C LEU A 383 22.94 -6.56 10.33
N VAL A 384 21.99 -6.78 11.23
CA VAL A 384 22.19 -6.61 12.65
C VAL A 384 23.20 -7.61 13.19
N ARG A 385 23.18 -8.81 12.65
CA ARG A 385 24.01 -9.88 13.17
C ARG A 385 25.49 -9.62 12.93
N LYS A 386 25.84 -8.98 11.84
CA LYS A 386 27.25 -8.77 11.59
C LYS A 386 27.74 -7.67 12.50
N LYS A 387 27.84 -8.00 13.78
CA LYS A 387 28.30 -7.04 14.79
C LYS A 387 29.08 -7.73 15.90
#